data_2N0O
#
_entry.id   2N0O
#
_entity_poly.entity_id   1
_entity_poly.type   'polypeptide(L)'
_entity_poly.pdbx_seq_one_letter_code
;IFGAILPLALGALKNLIK(NH2)
;
_entity_poly.pdbx_strand_id   A
#
loop_
_chem_comp.id
_chem_comp.type
_chem_comp.name
_chem_comp.formula
NH2 non-polymer 'AMINO GROUP' 'H2 N'
#
# COMPACT_ATOMS: atom_id res chain seq x y z
N ILE A 1 -4.17 -6.13 -10.61
CA ILE A 1 -5.43 -5.46 -10.20
C ILE A 1 -5.44 -5.30 -8.67
N PHE A 2 -6.53 -5.68 -8.01
CA PHE A 2 -6.63 -5.56 -6.55
C PHE A 2 -5.38 -6.09 -5.86
N GLY A 3 -4.81 -7.15 -6.43
CA GLY A 3 -3.61 -7.76 -5.87
C GLY A 3 -2.40 -6.89 -6.11
N ALA A 4 -2.63 -5.77 -6.79
CA ALA A 4 -1.57 -4.83 -7.08
C ALA A 4 -1.89 -3.49 -6.43
N ILE A 5 -3.18 -3.24 -6.23
CA ILE A 5 -3.63 -2.01 -5.61
C ILE A 5 -3.59 -2.12 -4.10
N LEU A 6 -4.08 -3.24 -3.58
CA LEU A 6 -4.09 -3.46 -2.14
C LEU A 6 -2.69 -3.41 -1.58
N PRO A 7 -1.75 -4.11 -2.15
CA PRO A 7 -0.35 -4.09 -1.65
C PRO A 7 0.28 -2.70 -1.77
N LEU A 8 0.01 -2.05 -2.91
CA LEU A 8 0.54 -0.72 -3.13
C LEU A 8 0.11 0.22 -2.01
N ALA A 9 -1.18 0.19 -1.70
CA ALA A 9 -1.73 1.04 -0.64
C ALA A 9 -1.16 0.63 0.70
N LEU A 10 -0.95 -0.66 0.88
CA LEU A 10 -0.40 -1.18 2.12
C LEU A 10 0.96 -0.56 2.37
N GLY A 11 1.66 -0.25 1.29
CA GLY A 11 2.97 0.36 1.40
C GLY A 11 2.84 1.84 1.62
N ALA A 12 2.00 2.49 0.81
CA ALA A 12 1.78 3.92 0.97
C ALA A 12 1.49 4.21 2.43
N LEU A 13 0.84 3.27 3.08
CA LEU A 13 0.54 3.40 4.50
C LEU A 13 1.84 3.52 5.26
N LYS A 14 2.78 2.63 4.95
CA LYS A 14 4.07 2.68 5.62
C LYS A 14 4.74 4.02 5.32
N ASN A 15 4.43 4.56 4.15
CA ASN A 15 5.00 5.83 3.74
C ASN A 15 4.30 6.98 4.45
N LEU A 16 3.30 6.66 5.25
CA LEU A 16 2.57 7.69 5.97
C LEU A 16 2.93 7.67 7.46
N ILE A 17 3.00 6.48 8.01
CA ILE A 17 3.32 6.30 9.41
C ILE A 17 4.83 6.36 9.67
N LYS A 18 5.56 5.42 9.07
CA LYS A 18 7.01 5.34 9.24
C LYS A 18 7.34 5.04 10.70
N NH2 A 19 6.89 5.81 11.64
HN1 NH2 A 19 7.10 5.63 12.57
HN2 NH2 A 19 6.34 6.59 11.40
N ILE A 1 -5.35 -8.35 -10.21
CA ILE A 1 -5.68 -6.90 -10.29
C ILE A 1 -5.56 -6.26 -8.91
N PHE A 2 -6.28 -6.79 -7.93
CA PHE A 2 -6.23 -6.22 -6.59
C PHE A 2 -4.85 -6.45 -5.97
N GLY A 3 -4.05 -7.27 -6.64
CA GLY A 3 -2.70 -7.56 -6.17
C GLY A 3 -1.81 -6.35 -6.38
N ALA A 4 -2.40 -5.30 -6.92
CA ALA A 4 -1.67 -4.07 -7.19
C ALA A 4 -2.35 -2.91 -6.49
N ILE A 5 -3.60 -3.10 -6.12
CA ILE A 5 -4.37 -2.06 -5.46
C ILE A 5 -4.26 -2.14 -3.93
N LEU A 6 -4.41 -3.35 -3.37
CA LEU A 6 -4.34 -3.50 -1.92
C LEU A 6 -2.91 -3.40 -1.41
N PRO A 7 -1.97 -4.10 -1.99
CA PRO A 7 -0.54 -4.06 -1.54
C PRO A 7 0.09 -2.68 -1.70
N LEU A 8 -0.14 -2.04 -2.83
CA LEU A 8 0.43 -0.73 -3.06
C LEU A 8 -0.05 0.27 -2.01
N ALA A 9 -1.35 0.29 -1.77
CA ALA A 9 -1.92 1.20 -0.78
C ALA A 9 -1.46 0.81 0.62
N LEU A 10 -1.14 -0.47 0.79
CA LEU A 10 -0.68 -0.98 2.08
C LEU A 10 0.66 -0.36 2.43
N GLY A 11 1.60 -0.49 1.51
CA GLY A 11 2.93 0.06 1.72
C GLY A 11 2.87 1.57 1.79
N ALA A 12 2.05 2.19 0.96
CA ALA A 12 1.92 3.63 0.98
C ALA A 12 1.67 4.08 2.42
N LEU A 13 0.77 3.36 3.07
CA LEU A 13 0.45 3.67 4.46
C LEU A 13 1.72 3.64 5.30
N LYS A 14 2.56 2.64 5.06
CA LYS A 14 3.80 2.54 5.81
C LYS A 14 4.71 3.72 5.48
N ASN A 15 4.49 4.31 4.30
CA ASN A 15 5.28 5.45 3.85
C ASN A 15 4.74 6.72 4.48
N LEU A 16 3.56 6.63 5.08
CA LEU A 16 2.94 7.79 5.71
C LEU A 16 3.12 7.78 7.22
N ILE A 17 3.24 6.58 7.80
CA ILE A 17 3.41 6.46 9.25
C ILE A 17 4.89 6.36 9.61
N LYS A 18 5.63 5.53 8.89
CA LYS A 18 7.07 5.34 9.12
C LYS A 18 7.32 4.82 10.54
N NH2 A 19 6.86 5.47 11.56
HN1 NH2 A 19 7.02 5.15 12.46
HN2 NH2 A 19 6.34 6.29 11.41
N ILE A 1 -6.19 -8.42 -9.62
CA ILE A 1 -6.30 -6.94 -9.63
C ILE A 1 -5.93 -6.40 -8.25
N PHE A 2 -6.82 -6.53 -7.28
CA PHE A 2 -6.58 -6.05 -5.93
C PHE A 2 -5.19 -6.46 -5.43
N GLY A 3 -4.71 -7.58 -5.95
CA GLY A 3 -3.41 -8.11 -5.55
C GLY A 3 -2.30 -7.20 -6.03
N ALA A 4 -2.67 -6.20 -6.80
CA ALA A 4 -1.71 -5.26 -7.35
C ALA A 4 -2.05 -3.85 -6.89
N ILE A 5 -3.34 -3.59 -6.75
CA ILE A 5 -3.80 -2.27 -6.33
C ILE A 5 -3.65 -2.09 -4.83
N LEU A 6 -4.02 -3.11 -4.05
CA LEU A 6 -3.94 -3.01 -2.60
C LEU A 6 -2.50 -2.87 -2.12
N PRO A 7 -1.60 -3.70 -2.59
CA PRO A 7 -0.17 -3.65 -2.16
C PRO A 7 0.38 -2.23 -2.15
N LEU A 8 0.10 -1.51 -3.22
CA LEU A 8 0.57 -0.14 -3.36
C LEU A 8 0.12 0.69 -2.16
N ALA A 9 -1.15 0.53 -1.79
CA ALA A 9 -1.71 1.29 -0.67
C ALA A 9 -1.11 0.82 0.65
N LEU A 10 -0.84 -0.48 0.73
CA LEU A 10 -0.29 -1.06 1.94
C LEU A 10 1.09 -0.47 2.23
N GLY A 11 1.81 -0.13 1.17
CA GLY A 11 3.15 0.43 1.32
C GLY A 11 3.07 1.93 1.56
N ALA A 12 2.32 2.63 0.70
CA ALA A 12 2.18 4.06 0.87
C ALA A 12 1.83 4.35 2.32
N LEU A 13 0.99 3.47 2.87
CA LEU A 13 0.59 3.58 4.26
C LEU A 13 1.84 3.59 5.13
N LYS A 14 2.76 2.68 4.86
CA LYS A 14 3.98 2.62 5.62
C LYS A 14 4.75 3.93 5.50
N ASN A 15 4.52 4.65 4.40
CA ASN A 15 5.19 5.92 4.19
C ASN A 15 4.48 7.03 4.96
N LEU A 16 3.34 6.70 5.56
CA LEU A 16 2.58 7.69 6.32
C LEU A 16 2.73 7.46 7.81
N ILE A 17 2.87 6.20 8.20
CA ILE A 17 3.01 5.85 9.61
C ILE A 17 4.48 5.82 10.02
N LYS A 18 5.31 5.21 9.17
CA LYS A 18 6.74 5.10 9.43
C LYS A 18 6.98 4.27 10.69
N NH2 A 19 6.39 4.59 11.79
HN1 NH2 A 19 6.54 4.05 12.61
HN2 NH2 A 19 5.79 5.37 11.82
N ILE A 1 -4.21 -8.16 -10.27
CA ILE A 1 -4.64 -6.74 -10.39
C ILE A 1 -4.84 -6.15 -8.98
N PHE A 2 -6.07 -6.15 -8.49
CA PHE A 2 -6.36 -5.60 -7.17
C PHE A 2 -5.38 -6.12 -6.12
N GLY A 3 -4.88 -7.33 -6.35
CA GLY A 3 -3.92 -7.95 -5.44
C GLY A 3 -2.57 -7.29 -5.57
N ALA A 4 -2.45 -6.39 -6.53
CA ALA A 4 -1.22 -5.66 -6.77
C ALA A 4 -1.42 -4.21 -6.37
N ILE A 5 -2.67 -3.76 -6.46
CA ILE A 5 -3.02 -2.40 -6.10
C ILE A 5 -3.29 -2.30 -4.60
N LEU A 6 -4.04 -3.25 -4.05
CA LEU A 6 -4.35 -3.23 -2.63
C LEU A 6 -3.04 -3.16 -1.82
N PRO A 7 -2.10 -4.01 -2.13
CA PRO A 7 -0.79 -4.01 -1.41
C PRO A 7 -0.13 -2.63 -1.43
N LEU A 8 -0.11 -2.00 -2.60
CA LEU A 8 0.50 -0.69 -2.72
C LEU A 8 -0.24 0.32 -1.85
N ALA A 9 -1.56 0.14 -1.75
CA ALA A 9 -2.37 1.01 -0.93
C ALA A 9 -1.89 0.90 0.50
N LEU A 10 -1.60 -0.33 0.90
CA LEU A 10 -1.08 -0.58 2.23
C LEU A 10 0.26 0.13 2.38
N GLY A 11 1.04 0.11 1.30
CA GLY A 11 2.34 0.76 1.30
C GLY A 11 2.18 2.25 1.57
N ALA A 12 1.03 2.79 1.20
CA ALA A 12 0.79 4.21 1.45
C ALA A 12 0.88 4.44 2.94
N LEU A 13 0.23 3.56 3.70
CA LEU A 13 0.29 3.64 5.15
C LEU A 13 1.74 3.59 5.58
N LYS A 14 2.51 2.71 4.94
CA LYS A 14 3.92 2.60 5.28
C LYS A 14 4.61 3.94 5.06
N ASN A 15 4.04 4.75 4.17
CA ASN A 15 4.61 6.05 3.88
C ASN A 15 4.15 7.09 4.90
N LEU A 16 3.22 6.68 5.76
CA LEU A 16 2.69 7.58 6.79
C LEU A 16 3.41 7.34 8.12
N ILE A 17 3.95 6.14 8.27
CA ILE A 17 4.65 5.78 9.51
C ILE A 17 6.16 5.85 9.33
N LYS A 18 6.65 5.29 8.24
CA LYS A 18 8.08 5.29 7.95
C LYS A 18 8.84 4.62 9.09
N NH2 A 19 9.41 5.35 10.01
HN1 NH2 A 19 9.89 4.92 10.75
HN2 NH2 A 19 9.36 6.33 9.94
N ILE A 1 -4.20 -5.97 -10.94
CA ILE A 1 -5.32 -6.57 -10.17
C ILE A 1 -5.18 -6.18 -8.71
N PHE A 2 -6.29 -6.26 -7.97
CA PHE A 2 -6.31 -5.93 -6.54
C PHE A 2 -5.05 -6.42 -5.81
N GLY A 3 -4.57 -7.59 -6.20
CA GLY A 3 -3.40 -8.19 -5.59
C GLY A 3 -2.16 -7.35 -5.86
N ALA A 4 -2.34 -6.38 -6.73
CA ALA A 4 -1.26 -5.49 -7.11
C ALA A 4 -1.58 -4.06 -6.68
N ILE A 5 -2.88 -3.76 -6.57
CA ILE A 5 -3.31 -2.44 -6.16
C ILE A 5 -3.42 -2.34 -4.64
N LEU A 6 -4.08 -3.33 -4.03
CA LEU A 6 -4.24 -3.32 -2.59
C LEU A 6 -2.89 -3.17 -1.89
N PRO A 7 -1.88 -3.90 -2.33
CA PRO A 7 -0.53 -3.81 -1.72
C PRO A 7 0.05 -2.40 -1.81
N LEU A 8 -0.21 -1.73 -2.92
CA LEU A 8 0.30 -0.37 -3.10
C LEU A 8 -0.30 0.54 -2.06
N ALA A 9 -1.62 0.54 -1.99
CA ALA A 9 -2.33 1.36 -1.01
C ALA A 9 -1.89 1.02 0.40
N LEU A 10 -1.59 -0.24 0.62
CA LEU A 10 -1.14 -0.70 1.92
C LEU A 10 0.20 -0.07 2.27
N GLY A 11 1.11 -0.10 1.32
CA GLY A 11 2.43 0.47 1.51
C GLY A 11 2.33 1.96 1.79
N ALA A 12 1.49 2.64 1.03
CA ALA A 12 1.32 4.07 1.24
C ALA A 12 1.19 4.35 2.72
N LEU A 13 0.41 3.52 3.41
CA LEU A 13 0.22 3.68 4.84
C LEU A 13 1.58 3.60 5.55
N LYS A 14 2.39 2.61 5.15
CA LYS A 14 3.70 2.48 5.75
C LYS A 14 4.50 3.76 5.49
N ASN A 15 4.14 4.44 4.40
CA ASN A 15 4.80 5.68 4.04
C ASN A 15 4.34 6.81 4.94
N LEU A 16 3.30 6.55 5.73
CA LEU A 16 2.77 7.57 6.62
C LEU A 16 3.38 7.44 8.01
N ILE A 17 3.81 6.22 8.35
CA ILE A 17 4.40 5.97 9.65
C ILE A 17 5.92 6.10 9.59
N LYS A 18 6.53 5.55 8.56
CA LYS A 18 7.99 5.59 8.41
C LYS A 18 8.66 5.07 9.67
N NH2 A 19 9.61 5.76 10.23
HN1 NH2 A 19 10.03 5.43 11.05
HN2 NH2 A 19 9.90 6.61 9.83
N ILE A 1 -4.82 -7.72 -10.56
CA ILE A 1 -4.62 -6.26 -10.40
C ILE A 1 -4.82 -5.88 -8.93
N PHE A 2 -5.99 -6.21 -8.41
CA PHE A 2 -6.32 -5.90 -7.02
C PHE A 2 -5.20 -6.36 -6.10
N GLY A 3 -4.58 -7.48 -6.46
CA GLY A 3 -3.48 -8.05 -5.69
C GLY A 3 -2.24 -7.21 -5.86
N ALA A 4 -2.38 -6.11 -6.58
CA ALA A 4 -1.28 -5.20 -6.81
C ALA A 4 -1.66 -3.82 -6.27
N ILE A 5 -2.96 -3.53 -6.28
CA ILE A 5 -3.47 -2.26 -5.80
C ILE A 5 -3.61 -2.28 -4.28
N LEU A 6 -4.27 -3.30 -3.76
CA LEU A 6 -4.47 -3.42 -2.32
C LEU A 6 -3.14 -3.35 -1.59
N PRO A 7 -2.17 -4.14 -1.98
CA PRO A 7 -0.85 -4.14 -1.32
C PRO A 7 -0.20 -2.75 -1.38
N LEU A 8 -0.41 -2.09 -2.51
CA LEU A 8 0.13 -0.74 -2.72
C LEU A 8 -0.44 0.20 -1.67
N ALA A 9 -1.75 0.12 -1.47
CA ALA A 9 -2.40 0.96 -0.47
C ALA A 9 -1.77 0.70 0.88
N LEU A 10 -1.44 -0.56 1.11
CA LEU A 10 -0.81 -0.95 2.36
C LEU A 10 0.62 -0.41 2.40
N GLY A 11 1.07 0.12 1.27
CA GLY A 11 2.42 0.69 1.20
C GLY A 11 2.37 2.17 1.52
N ALA A 12 1.38 2.85 0.96
CA ALA A 12 1.22 4.25 1.24
C ALA A 12 1.29 4.45 2.75
N LEU A 13 0.54 3.61 3.46
CA LEU A 13 0.53 3.65 4.91
C LEU A 13 1.96 3.62 5.43
N LYS A 14 2.80 2.77 4.84
CA LYS A 14 4.19 2.66 5.27
C LYS A 14 4.94 3.94 4.96
N ASN A 15 4.40 4.74 4.04
CA ASN A 15 5.02 6.00 3.65
C ASN A 15 4.62 7.12 4.59
N LEU A 16 3.50 6.94 5.28
CA LEU A 16 3.01 7.96 6.19
C LEU A 16 3.41 7.67 7.63
N ILE A 17 3.54 6.40 7.98
CA ILE A 17 3.91 6.01 9.34
C ILE A 17 5.41 5.77 9.43
N LYS A 18 5.95 5.09 8.42
CA LYS A 18 7.37 4.77 8.38
C LYS A 18 7.72 3.85 9.55
N NH2 A 19 8.70 4.15 10.35
HN1 NH2 A 19 8.93 3.55 11.09
HN2 NH2 A 19 9.20 4.98 10.23
N ILE A 1 -3.95 -6.44 -10.82
CA ILE A 1 -5.31 -6.64 -10.25
C ILE A 1 -5.29 -6.17 -8.79
N PHE A 2 -6.38 -6.42 -8.08
CA PHE A 2 -6.49 -6.03 -6.68
C PHE A 2 -5.24 -6.43 -5.90
N GLY A 3 -4.56 -7.46 -6.41
CA GLY A 3 -3.34 -7.97 -5.80
C GLY A 3 -2.19 -7.00 -6.04
N ALA A 4 -2.52 -5.86 -6.61
CA ALA A 4 -1.53 -4.84 -6.89
C ALA A 4 -2.00 -3.52 -6.29
N ILE A 5 -3.30 -3.29 -6.38
CA ILE A 5 -3.89 -2.07 -5.86
C ILE A 5 -3.90 -2.06 -4.34
N LEU A 6 -4.26 -3.19 -3.74
CA LEU A 6 -4.33 -3.29 -2.29
C LEU A 6 -2.94 -3.22 -1.67
N PRO A 7 -2.00 -4.01 -2.13
CA PRO A 7 -0.62 -4.01 -1.57
C PRO A 7 0.04 -2.65 -1.71
N LEU A 8 -0.17 -2.02 -2.87
CA LEU A 8 0.41 -0.71 -3.11
C LEU A 8 -0.04 0.27 -2.03
N ALA A 9 -1.33 0.25 -1.74
CA ALA A 9 -1.89 1.13 -0.73
C ALA A 9 -1.32 0.79 0.64
N LEU A 10 -1.18 -0.50 0.89
CA LEU A 10 -0.64 -0.97 2.16
C LEU A 10 0.74 -0.36 2.38
N GLY A 11 1.48 -0.23 1.29
CA GLY A 11 2.81 0.35 1.36
C GLY A 11 2.73 1.85 1.59
N ALA A 12 1.87 2.51 0.83
CA ALA A 12 1.71 3.95 0.99
C ALA A 12 1.53 4.26 2.47
N LEU A 13 0.72 3.43 3.12
CA LEU A 13 0.49 3.57 4.54
C LEU A 13 1.82 3.54 5.28
N LYS A 14 2.68 2.60 4.90
CA LYS A 14 3.99 2.50 5.53
C LYS A 14 4.76 3.80 5.32
N ASN A 15 4.43 4.51 4.25
CA ASN A 15 5.10 5.77 3.97
C ASN A 15 4.45 6.93 4.73
N LEU A 16 3.33 6.64 5.38
CA LEU A 16 2.62 7.67 6.15
C LEU A 16 2.85 7.47 7.65
N ILE A 17 3.36 6.31 8.03
CA ILE A 17 3.62 6.00 9.43
C ILE A 17 5.10 6.12 9.74
N LYS A 18 5.93 5.60 8.84
CA LYS A 18 7.39 5.64 9.01
C LYS A 18 7.82 4.78 10.21
N NH2 A 19 7.23 4.97 11.36
HN1 NH2 A 19 7.49 4.43 12.13
HN2 NH2 A 19 6.53 5.65 11.45
N ILE A 1 -4.20 -6.98 -10.61
CA ILE A 1 -5.41 -7.27 -9.80
C ILE A 1 -5.23 -6.69 -8.40
N PHE A 2 -5.93 -7.25 -7.43
CA PHE A 2 -5.83 -6.77 -6.06
C PHE A 2 -4.38 -6.71 -5.61
N GLY A 3 -3.52 -7.46 -6.30
CA GLY A 3 -2.10 -7.49 -5.98
C GLY A 3 -1.43 -6.18 -6.40
N ALA A 4 -2.24 -5.27 -6.90
CA ALA A 4 -1.74 -3.98 -7.35
C ALA A 4 -2.50 -2.87 -6.63
N ILE A 5 -3.75 -3.15 -6.31
CA ILE A 5 -4.61 -2.19 -5.64
C ILE A 5 -4.42 -2.20 -4.11
N LEU A 6 -4.23 -3.37 -3.53
CA LEU A 6 -4.08 -3.47 -2.09
C LEU A 6 -2.68 -3.05 -1.64
N PRO A 7 -1.63 -3.55 -2.26
CA PRO A 7 -0.24 -3.22 -1.82
C PRO A 7 0.15 -1.77 -2.05
N LEU A 8 -0.41 -1.14 -3.06
CA LEU A 8 -0.06 0.25 -3.35
C LEU A 8 -0.55 1.16 -2.23
N ALA A 9 -1.73 0.87 -1.69
CA ALA A 9 -2.30 1.69 -0.61
C ALA A 9 -1.82 1.24 0.76
N LEU A 10 -1.67 -0.06 0.94
CA LEU A 10 -1.22 -0.59 2.22
C LEU A 10 0.20 -0.12 2.46
N GLY A 11 1.07 -0.48 1.54
CA GLY A 11 2.47 -0.10 1.64
C GLY A 11 2.62 1.40 1.62
N ALA A 12 1.74 2.10 0.92
CA ALA A 12 1.81 3.55 0.88
C ALA A 12 1.66 4.05 2.31
N LEU A 13 0.60 3.59 2.96
CA LEU A 13 0.34 3.95 4.33
C LEU A 13 1.56 3.66 5.17
N LYS A 14 2.19 2.50 4.96
CA LYS A 14 3.37 2.15 5.73
C LYS A 14 4.53 3.05 5.37
N ASN A 15 4.42 3.73 4.24
CA ASN A 15 5.47 4.63 3.79
C ASN A 15 5.30 6.01 4.40
N LEU A 16 4.19 6.20 5.11
CA LEU A 16 3.91 7.49 5.74
C LEU A 16 3.96 7.36 7.27
N ILE A 17 3.31 6.34 7.78
CA ILE A 17 3.28 6.11 9.22
C ILE A 17 4.47 5.28 9.67
N LYS A 18 4.75 4.22 8.94
CA LYS A 18 5.87 3.33 9.24
C LYS A 18 5.61 2.60 10.55
N NH2 A 19 6.60 2.24 11.30
HN1 NH2 A 19 6.44 1.77 12.15
HN2 NH2 A 19 7.52 2.43 11.02
N ILE A 1 -4.98 -7.75 -10.63
CA ILE A 1 -5.65 -6.44 -10.38
C ILE A 1 -5.50 -6.04 -8.91
N PHE A 2 -6.37 -6.55 -8.05
CA PHE A 2 -6.29 -6.20 -6.63
C PHE A 2 -5.01 -6.72 -6.00
N GLY A 3 -4.22 -7.44 -6.79
CA GLY A 3 -2.97 -7.99 -6.30
C GLY A 3 -1.90 -6.91 -6.32
N ALA A 4 -2.28 -5.71 -6.72
CA ALA A 4 -1.35 -4.61 -6.77
C ALA A 4 -1.98 -3.33 -6.22
N ILE A 5 -3.28 -3.17 -6.46
CA ILE A 5 -3.97 -1.96 -6.00
C ILE A 5 -4.04 -1.90 -4.47
N LEU A 6 -4.41 -3.00 -3.84
CA LEU A 6 -4.51 -3.02 -2.39
C LEU A 6 -3.13 -3.11 -1.72
N PRO A 7 -2.29 -4.05 -2.13
CA PRO A 7 -0.94 -4.20 -1.52
C PRO A 7 -0.14 -2.90 -1.61
N LEU A 8 -0.23 -2.24 -2.76
CA LEU A 8 0.48 -0.99 -2.96
C LEU A 8 0.05 0.02 -1.91
N ALA A 9 -1.25 0.10 -1.67
CA ALA A 9 -1.79 1.03 -0.69
C ALA A 9 -1.33 0.65 0.71
N LEU A 10 -1.20 -0.65 0.93
CA LEU A 10 -0.76 -1.16 2.22
C LEU A 10 0.61 -0.60 2.55
N GLY A 11 1.43 -0.43 1.52
CA GLY A 11 2.76 0.12 1.71
C GLY A 11 2.66 1.62 1.86
N ALA A 12 1.77 2.23 1.08
CA ALA A 12 1.58 3.67 1.17
C ALA A 12 1.40 4.04 2.63
N LEU A 13 0.71 3.18 3.36
CA LEU A 13 0.49 3.39 4.77
C LEU A 13 1.85 3.52 5.47
N LYS A 14 2.74 2.58 5.17
CA LYS A 14 4.07 2.62 5.77
C LYS A 14 4.76 3.94 5.39
N ASN A 15 4.39 4.46 4.23
CA ASN A 15 4.94 5.70 3.71
C ASN A 15 4.43 6.89 4.51
N LEU A 16 3.34 6.68 5.25
CA LEU A 16 2.76 7.77 6.04
C LEU A 16 3.12 7.66 7.51
N ILE A 17 3.38 6.45 7.97
CA ILE A 17 3.73 6.23 9.37
C ILE A 17 5.23 6.46 9.61
N LYS A 18 6.06 5.92 8.72
CA LYS A 18 7.51 6.06 8.85
C LYS A 18 7.96 5.68 10.25
N NH2 A 19 7.36 4.71 10.87
HN1 NH2 A 19 7.64 4.45 11.77
HN2 NH2 A 19 6.63 4.23 10.42
N ILE A 1 -4.38 -6.26 -10.91
CA ILE A 1 -5.72 -5.98 -10.32
C ILE A 1 -5.54 -5.62 -8.84
N PHE A 2 -6.62 -5.70 -8.07
CA PHE A 2 -6.59 -5.36 -6.64
C PHE A 2 -5.38 -6.00 -5.96
N GLY A 3 -4.98 -7.15 -6.48
CA GLY A 3 -3.85 -7.90 -5.93
C GLY A 3 -2.55 -7.14 -6.14
N ALA A 4 -2.64 -6.07 -6.90
CA ALA A 4 -1.48 -5.24 -7.19
C ALA A 4 -1.65 -3.88 -6.55
N ILE A 5 -2.92 -3.46 -6.43
CA ILE A 5 -3.25 -2.17 -5.85
C ILE A 5 -3.38 -2.26 -4.33
N LEU A 6 -4.02 -3.32 -3.85
CA LEU A 6 -4.22 -3.50 -2.41
C LEU A 6 -2.88 -3.53 -1.67
N PRO A 7 -1.95 -4.32 -2.15
CA PRO A 7 -0.60 -4.42 -1.50
C PRO A 7 0.17 -3.11 -1.63
N LEU A 8 -0.11 -2.39 -2.70
CA LEU A 8 0.54 -1.10 -2.93
C LEU A 8 0.13 -0.14 -1.82
N ALA A 9 -1.18 0.01 -1.65
CA ALA A 9 -1.71 0.88 -0.61
C ALA A 9 -1.15 0.47 0.74
N LEU A 10 -0.96 -0.83 0.91
CA LEU A 10 -0.42 -1.35 2.15
C LEU A 10 0.95 -0.75 2.41
N GLY A 11 1.61 -0.34 1.34
CA GLY A 11 2.93 0.26 1.45
C GLY A 11 2.79 1.76 1.69
N ALA A 12 1.91 2.38 0.93
CA ALA A 12 1.67 3.81 1.09
C ALA A 12 1.48 4.10 2.58
N LEU A 13 0.74 3.21 3.23
CA LEU A 13 0.49 3.34 4.65
C LEU A 13 1.82 3.40 5.39
N LYS A 14 2.77 2.58 4.96
CA LYS A 14 4.07 2.57 5.59
C LYS A 14 4.80 3.88 5.33
N ASN A 15 4.35 4.60 4.30
CA ASN A 15 4.95 5.88 3.94
C ASN A 15 4.31 6.99 4.76
N LEU A 16 3.13 6.70 5.31
CA LEU A 16 2.41 7.68 6.12
C LEU A 16 2.73 7.52 7.60
N ILE A 17 3.21 6.34 7.96
CA ILE A 17 3.56 6.06 9.36
C ILE A 17 4.97 6.55 9.67
N LYS A 18 5.92 6.20 8.82
CA LYS A 18 7.31 6.60 8.99
C LYS A 18 7.90 5.98 10.26
N NH2 A 19 7.27 6.13 11.39
HN1 NH2 A 19 7.64 5.74 12.21
HN2 NH2 A 19 6.43 6.64 11.41
#